data_2FSW
#
_entry.id   2FSW
#
_cell.length_a   35.971
_cell.length_b   82.241
_cell.length_c   116.601
_cell.angle_alpha   90.00
_cell.angle_beta   90.00
_cell.angle_gamma   90.00
#
_symmetry.space_group_name_H-M   'P 21 21 21'
#
loop_
_entity.id
_entity.type
_entity.pdbx_description
1 polymer 'PG_0823 protein'
2 water water
#
_entity_poly.entity_id   1
_entity_poly.type   'polypeptide(L)'
_entity_poly.pdbx_seq_one_letter_code
;SNA(MSE)ERKISDEECPVRKS(MSE)QIFAGKWTLLIIFQINRRIIRYGELKRAIPGISEK(MSE)LIDELKFLCGKGL
IKKKQYPEVPPRVEYSLTPLGEKVLPIIDEIAKFG(MSE)ENL
;
_entity_poly.pdbx_strand_id   A,B
#
# COMPACT_ATOMS: atom_id res chain seq x y z
N ARG A 6 16.92 7.27 -13.10
CA ARG A 6 16.57 8.52 -12.35
C ARG A 6 16.51 8.36 -10.81
N LYS A 7 15.70 9.19 -10.15
CA LYS A 7 15.84 9.53 -8.73
C LYS A 7 15.71 8.35 -7.77
N ILE A 8 16.73 8.13 -6.93
CA ILE A 8 16.74 7.02 -5.98
C ILE A 8 15.71 7.18 -4.85
N SER A 9 15.18 6.05 -4.38
CA SER A 9 14.20 6.04 -3.28
C SER A 9 14.88 6.11 -1.91
N ASP A 10 15.39 7.30 -1.57
N ASP A 10 15.31 7.32 -1.57
CA ASP A 10 15.98 7.54 -0.26
CA ASP A 10 15.80 7.66 -0.24
C ASP A 10 14.95 8.08 0.73
C ASP A 10 14.71 7.97 0.75
N GLU A 11 15.42 8.93 1.64
N GLU A 11 15.12 8.50 1.89
CA GLU A 11 14.56 9.54 2.65
CA GLU A 11 14.22 8.76 2.99
C GLU A 11 13.71 10.64 2.04
C GLU A 11 13.38 10.00 2.71
N GLU A 12 14.21 11.25 0.97
N GLU A 12 13.65 10.67 1.60
CA GLU A 12 13.49 12.35 0.37
CA GLU A 12 12.86 11.85 1.22
C GLU A 12 12.52 11.88 -0.72
C GLU A 12 12.02 11.63 -0.07
N CYS A 13 12.32 10.56 -0.82
CA CYS A 13 11.44 10.01 -1.87
C CYS A 13 9.97 10.04 -1.43
N PRO A 14 9.11 10.68 -2.24
CA PRO A 14 7.71 10.79 -1.87
C PRO A 14 7.00 9.43 -1.83
N VAL A 15 7.42 8.50 -2.66
CA VAL A 15 6.84 7.17 -2.69
C VAL A 15 7.27 6.43 -1.42
N ARG A 16 8.57 6.51 -1.11
CA ARG A 16 9.08 5.89 0.10
C ARG A 16 8.41 6.46 1.35
N LYS A 17 8.31 7.78 1.43
CA LYS A 17 7.59 8.41 2.57
C LYS A 17 6.17 7.87 2.70
N SER A 18 5.45 7.76 1.58
CA SER A 18 4.07 7.28 1.61
C SER A 18 3.96 5.83 2.06
N GLN A 20 5.80 4.23 4.19
CA GLN A 20 5.86 4.23 5.67
C GLN A 20 4.48 4.18 6.30
N ILE A 21 3.52 4.85 5.64
CA ILE A 21 2.16 4.87 6.11
C ILE A 21 1.32 3.74 5.54
N PHE A 22 1.44 3.46 4.23
CA PHE A 22 0.46 2.60 3.54
C PHE A 22 0.82 1.13 3.50
N ALA A 23 1.99 0.78 4.02
CA ALA A 23 2.53 -0.59 3.97
C ALA A 23 1.69 -1.64 4.66
N GLY A 24 0.87 -1.23 5.62
CA GLY A 24 0.04 -2.19 6.34
C GLY A 24 -0.79 -3.11 5.45
N LYS A 25 -1.02 -4.32 5.93
N LYS A 25 -1.03 -4.32 5.92
CA LYS A 25 -2.03 -5.25 5.39
CA LYS A 25 -2.02 -5.20 5.30
C LYS A 25 -3.43 -4.61 5.45
C LYS A 25 -3.46 -4.63 5.47
N TRP A 26 -3.65 -3.76 6.46
CA TRP A 26 -4.99 -3.23 6.77
C TRP A 26 -5.22 -1.74 6.52
N THR A 27 -4.15 -0.97 6.39
CA THR A 27 -4.21 0.49 6.38
C THR A 27 -5.12 1.07 5.30
N LEU A 28 -4.84 0.70 4.05
CA LEU A 28 -5.61 1.17 2.91
C LEU A 28 -7.01 0.62 2.87
N LEU A 29 -7.19 -0.63 3.30
CA LEU A 29 -8.52 -1.23 3.42
C LEU A 29 -9.45 -0.48 4.38
N ILE A 30 -8.89 -0.10 5.54
CA ILE A 30 -9.61 0.72 6.53
C ILE A 30 -9.97 2.11 6.02
N ILE A 31 -9.01 2.82 5.41
CA ILE A 31 -9.30 4.12 4.80
C ILE A 31 -10.41 3.98 3.73
N PHE A 32 -10.30 2.97 2.86
CA PHE A 32 -11.31 2.62 1.84
C PHE A 32 -12.72 2.38 2.41
N GLN A 33 -12.79 1.71 3.56
CA GLN A 33 -14.10 1.41 4.19
C GLN A 33 -14.71 2.60 4.91
N ILE A 34 -13.90 3.40 5.60
CA ILE A 34 -14.38 4.65 6.20
C ILE A 34 -14.86 5.59 5.08
N ASN A 35 -13.99 5.78 4.08
CA ASN A 35 -14.37 6.47 2.86
C ASN A 35 -14.92 7.88 3.18
N ARG A 36 -15.95 8.34 2.47
CA ARG A 36 -16.47 9.67 2.75
C ARG A 36 -17.66 9.68 3.74
N ARG A 37 -17.80 8.61 4.51
CA ARG A 37 -18.88 8.60 5.51
C ARG A 37 -18.34 8.50 6.95
N ILE A 38 -19.28 8.39 7.89
CA ILE A 38 -18.96 8.23 9.30
C ILE A 38 -19.33 6.79 9.64
N ILE A 39 -18.41 6.08 10.31
CA ILE A 39 -18.61 4.67 10.60
C ILE A 39 -18.23 4.35 12.04
N ARG A 40 -19.08 3.57 12.70
N ARG A 40 -19.10 3.59 12.71
CA ARG A 40 -18.87 3.08 14.05
CA ARG A 40 -18.83 3.12 14.06
C ARG A 40 -17.84 1.95 14.02
C ARG A 40 -17.84 1.96 14.02
N TYR A 41 -17.06 1.84 15.09
CA TYR A 41 -16.09 0.74 15.26
C TYR A 41 -16.62 -0.61 14.85
N GLY A 42 -17.81 -0.95 15.34
CA GLY A 42 -18.44 -2.25 15.09
C GLY A 42 -18.83 -2.49 13.65
N GLU A 43 -19.31 -1.44 12.97
N GLU A 43 -19.31 -1.46 12.96
CA GLU A 43 -19.63 -1.51 11.55
CA GLU A 43 -19.64 -1.59 11.53
C GLU A 43 -18.34 -1.73 10.74
C GLU A 43 -18.35 -1.68 10.68
N LEU A 44 -17.27 -1.04 11.15
CA LEU A 44 -15.99 -1.09 10.45
C LEU A 44 -15.31 -2.43 10.64
N LYS A 45 -15.46 -2.99 11.85
CA LYS A 45 -14.96 -4.32 12.17
C LYS A 45 -15.62 -5.38 11.29
N ARG A 46 -16.92 -5.26 11.11
N ARG A 46 -16.93 -5.26 11.08
CA ARG A 46 -17.71 -6.16 10.26
CA ARG A 46 -17.65 -6.20 10.23
C ARG A 46 -17.43 -5.96 8.75
C ARG A 46 -17.38 -5.97 8.74
N ALA A 47 -17.11 -4.72 8.37
CA ALA A 47 -16.81 -4.37 6.97
C ALA A 47 -15.50 -4.94 6.44
N ILE A 48 -14.63 -5.36 7.35
CA ILE A 48 -13.38 -6.05 6.99
C ILE A 48 -13.32 -7.40 7.74
N PRO A 49 -13.97 -8.43 7.17
CA PRO A 49 -14.01 -9.73 7.83
C PRO A 49 -12.60 -10.33 8.01
N GLY A 50 -12.35 -10.91 9.19
CA GLY A 50 -11.07 -11.54 9.47
C GLY A 50 -10.03 -10.67 10.13
N ILE A 51 -10.39 -9.41 10.42
CA ILE A 51 -9.48 -8.54 11.17
C ILE A 51 -9.77 -8.71 12.67
N SER A 52 -8.70 -8.90 13.45
CA SER A 52 -8.85 -9.06 14.89
C SER A 52 -9.04 -7.72 15.55
N GLU A 53 -9.56 -7.77 16.78
CA GLU A 53 -9.77 -6.60 17.62
C GLU A 53 -8.46 -5.83 17.79
N LYS A 54 -7.38 -6.58 18.06
CA LYS A 54 -6.05 -6.00 18.26
C LYS A 54 -5.49 -5.31 17.01
N LEU A 56 -7.29 -4.13 14.44
CA LEU A 56 -8.14 -2.98 14.10
C LEU A 56 -7.84 -1.80 15.01
N ILE A 57 -7.57 -2.08 16.28
CA ILE A 57 -7.30 -1.02 17.26
C ILE A 57 -5.93 -0.37 17.06
N ASP A 58 -4.91 -1.21 16.88
CA ASP A 58 -3.56 -0.70 16.60
C ASP A 58 -3.58 0.14 15.31
N GLU A 59 -4.28 -0.35 14.30
CA GLU A 59 -4.33 0.31 13.00
C GLU A 59 -5.09 1.65 13.11
N LEU A 60 -6.22 1.64 13.81
CA LEU A 60 -6.98 2.88 14.07
C LEU A 60 -6.17 3.92 14.82
N LYS A 61 -5.41 3.47 15.82
N LYS A 61 -5.42 3.47 15.81
CA LYS A 61 -4.52 4.36 16.56
CA LYS A 61 -4.50 4.29 16.59
C LYS A 61 -3.40 4.90 15.68
C LYS A 61 -3.40 4.88 15.71
N PHE A 62 -2.77 4.01 14.93
CA PHE A 62 -1.77 4.39 13.91
C PHE A 62 -2.32 5.47 12.95
N LEU A 63 -3.51 5.24 12.39
CA LEU A 63 -4.12 6.19 11.44
C LEU A 63 -4.53 7.53 12.06
N CYS A 64 -5.03 7.51 13.29
CA CYS A 64 -5.25 8.72 14.06
C CYS A 64 -3.95 9.49 14.26
N GLY A 65 -2.93 8.76 14.70
CA GLY A 65 -1.61 9.35 14.90
C GLY A 65 -1.05 9.96 13.65
N LYS A 66 -1.33 9.34 12.50
CA LYS A 66 -0.83 9.85 11.23
C LYS A 66 -1.72 11.00 10.68
N GLY A 67 -2.80 11.30 11.39
CA GLY A 67 -3.72 12.38 11.03
C GLY A 67 -4.57 12.08 9.79
N LEU A 68 -4.84 10.79 9.54
CA LEU A 68 -5.63 10.36 8.38
C LEU A 68 -7.11 10.14 8.65
N ILE A 69 -7.43 9.84 9.92
CA ILE A 69 -8.81 9.66 10.35
C ILE A 69 -9.11 10.46 11.64
N LYS A 70 -10.38 10.79 11.85
CA LYS A 70 -10.86 11.43 13.08
C LYS A 70 -11.64 10.42 13.91
N LYS A 71 -11.36 10.41 15.21
N LYS A 71 -11.33 10.40 15.21
CA LYS A 71 -12.08 9.62 16.21
CA LYS A 71 -12.09 9.67 16.21
C LYS A 71 -12.98 10.57 17.01
C LYS A 71 -13.03 10.65 16.92
N LYS A 72 -14.24 10.19 17.17
CA LYS A 72 -15.19 10.97 17.97
C LYS A 72 -15.94 10.07 18.94
N GLN A 73 -15.74 10.32 20.23
CA GLN A 73 -16.38 9.57 21.30
C GLN A 73 -17.70 10.22 21.69
N TYR A 74 -18.67 9.37 21.99
CA TYR A 74 -19.91 9.81 22.59
C TYR A 74 -20.10 9.04 23.90
N PRO A 75 -19.73 9.69 25.04
CA PRO A 75 -19.93 9.13 26.39
C PRO A 75 -21.41 9.14 26.83
N GLU A 76 -22.24 8.42 26.08
CA GLU A 76 -23.67 8.31 26.36
C GLU A 76 -24.03 6.84 26.61
N VAL A 77 -25.33 6.55 26.70
CA VAL A 77 -25.80 5.18 26.86
C VAL A 77 -26.61 4.75 25.62
N PRO A 78 -26.17 3.70 24.91
CA PRO A 78 -24.88 3.01 25.02
C PRO A 78 -23.80 3.84 24.33
N PRO A 79 -22.53 3.72 24.76
CA PRO A 79 -21.48 4.56 24.19
C PRO A 79 -21.09 4.15 22.78
N ARG A 80 -20.47 5.06 22.04
N ARG A 80 -20.49 5.07 22.03
CA ARG A 80 -20.01 4.80 20.67
CA ARG A 80 -19.97 4.76 20.70
C ARG A 80 -18.77 5.63 20.31
C ARG A 80 -18.77 5.62 20.31
N VAL A 81 -17.89 5.04 19.50
CA VAL A 81 -16.84 5.77 18.79
C VAL A 81 -17.21 5.77 17.32
N GLU A 82 -17.02 6.90 16.66
CA GLU A 82 -17.23 7.02 15.23
C GLU A 82 -15.96 7.53 14.60
N TYR A 83 -15.68 7.05 13.38
CA TYR A 83 -14.51 7.47 12.61
C TYR A 83 -14.92 8.04 11.28
N SER A 84 -14.20 9.07 10.86
CA SER A 84 -14.37 9.63 9.54
C SER A 84 -12.98 10.03 9.08
N LEU A 85 -12.85 10.28 7.78
CA LEU A 85 -11.57 10.71 7.26
C LEU A 85 -11.35 12.19 7.50
N THR A 86 -10.11 12.55 7.76
CA THR A 86 -9.69 13.95 7.74
C THR A 86 -9.56 14.32 6.25
N PRO A 87 -9.41 15.63 5.94
CA PRO A 87 -9.08 16.00 4.56
C PRO A 87 -7.79 15.34 4.03
N LEU A 88 -6.77 15.18 4.89
CA LEU A 88 -5.57 14.41 4.53
C LEU A 88 -5.92 12.97 4.12
N GLY A 89 -6.68 12.26 4.97
CA GLY A 89 -7.23 10.92 4.62
C GLY A 89 -8.02 10.79 3.31
N GLU A 90 -8.85 11.80 3.01
CA GLU A 90 -9.62 11.82 1.74
C GLU A 90 -8.69 11.87 0.53
N LYS A 91 -7.49 12.40 0.72
CA LYS A 91 -6.50 12.49 -0.35
C LYS A 91 -5.83 11.15 -0.63
N VAL A 92 -6.12 10.17 0.21
CA VAL A 92 -5.68 8.81 -0.05
C VAL A 92 -6.64 8.06 -0.99
N LEU A 93 -7.88 8.55 -1.12
CA LEU A 93 -8.89 7.89 -1.96
C LEU A 93 -8.53 7.75 -3.44
N PRO A 94 -7.88 8.76 -4.07
CA PRO A 94 -7.41 8.54 -5.46
C PRO A 94 -6.42 7.37 -5.62
N ILE A 95 -5.55 7.14 -4.62
CA ILE A 95 -4.68 5.96 -4.62
C ILE A 95 -5.52 4.68 -4.67
N ILE A 96 -6.47 4.61 -3.75
CA ILE A 96 -7.33 3.48 -3.57
C ILE A 96 -8.23 3.22 -4.79
N ASP A 97 -8.74 4.28 -5.43
CA ASP A 97 -9.44 4.12 -6.71
C ASP A 97 -8.57 3.39 -7.75
N GLU A 98 -7.29 3.72 -7.82
CA GLU A 98 -6.43 3.04 -8.80
C GLU A 98 -6.19 1.56 -8.42
N ILE A 99 -6.10 1.29 -7.11
CA ILE A 99 -5.98 -0.09 -6.61
C ILE A 99 -7.23 -0.92 -6.89
N ALA A 100 -8.41 -0.32 -6.70
CA ALA A 100 -9.68 -0.99 -6.95
C ALA A 100 -9.76 -1.33 -8.43
N LYS A 101 -9.36 -0.37 -9.27
CA LYS A 101 -9.30 -0.55 -10.72
C LYS A 101 -8.36 -1.72 -11.11
N PHE A 102 -7.16 -1.77 -10.53
CA PHE A 102 -6.26 -2.89 -10.76
C PHE A 102 -6.90 -4.22 -10.34
N GLY A 103 -7.57 -4.24 -9.17
CA GLY A 103 -8.17 -5.45 -8.65
C GLY A 103 -9.26 -5.98 -9.56
N GLU A 105 -9.81 -5.39 -12.76
CA GLU A 105 -9.42 -5.64 -14.14
C GLU A 105 -8.52 -6.85 -14.32
N ASN A 106 -7.66 -7.11 -13.34
CA ASN A 106 -6.61 -8.10 -13.51
C ASN A 106 -6.66 -9.21 -12.47
N LEU A 107 -7.52 -9.08 -11.48
CA LEU A 107 -7.58 -10.10 -10.44
C LEU A 107 -8.97 -10.74 -10.41
N GLU B 5 -23.80 2.97 4.22
CA GLU B 5 -23.88 1.58 3.68
C GLU B 5 -23.09 1.42 2.38
N ARG B 6 -22.00 0.67 2.46
CA ARG B 6 -21.14 0.41 1.30
C ARG B 6 -20.86 -1.09 1.25
N LYS B 7 -20.50 -1.59 0.07
CA LYS B 7 -20.07 -2.99 -0.07
C LYS B 7 -18.95 -3.33 0.91
N ILE B 8 -18.99 -4.52 1.50
CA ILE B 8 -17.93 -4.93 2.44
C ILE B 8 -16.70 -5.45 1.72
N SER B 9 -15.57 -5.44 2.43
CA SER B 9 -14.31 -5.94 1.89
C SER B 9 -14.02 -7.37 2.33
N ASP B 10 -14.78 -8.31 1.77
CA ASP B 10 -14.54 -9.73 1.98
C ASP B 10 -13.36 -10.18 1.12
N GLU B 11 -13.24 -11.49 0.90
CA GLU B 11 -12.14 -12.00 0.08
C GLU B 11 -12.37 -11.77 -1.43
N GLU B 12 -13.53 -11.23 -1.78
CA GLU B 12 -13.81 -10.85 -3.16
C GLU B 12 -13.51 -9.38 -3.49
N CYS B 13 -13.39 -8.53 -2.46
CA CYS B 13 -13.19 -7.10 -2.68
C CYS B 13 -11.92 -6.82 -3.52
N PRO B 14 -12.09 -6.03 -4.59
CA PRO B 14 -11.00 -5.75 -5.54
C PRO B 14 -9.81 -5.06 -4.85
N VAL B 15 -10.09 -4.29 -3.81
CA VAL B 15 -9.05 -3.60 -3.05
C VAL B 15 -8.31 -4.60 -2.14
N ARG B 16 -9.09 -5.44 -1.46
CA ARG B 16 -8.54 -6.52 -0.64
C ARG B 16 -7.74 -7.56 -1.44
N LYS B 17 -8.22 -7.90 -2.64
CA LYS B 17 -7.44 -8.76 -3.53
C LYS B 17 -6.08 -8.11 -3.82
N SER B 18 -6.11 -6.83 -4.16
CA SER B 18 -4.90 -6.11 -4.58
C SER B 18 -3.86 -6.01 -3.46
N GLN B 20 -3.23 -8.09 -1.15
CA GLN B 20 -2.48 -9.35 -1.03
C GLN B 20 -1.10 -9.23 -1.70
N ILE B 21 -1.09 -8.64 -2.89
CA ILE B 21 0.14 -8.42 -3.65
C ILE B 21 0.96 -7.24 -3.11
N PHE B 22 0.28 -6.11 -2.88
CA PHE B 22 0.93 -4.80 -2.70
C PHE B 22 1.24 -4.43 -1.26
N ALA B 23 0.79 -5.24 -0.31
CA ALA B 23 0.90 -4.93 1.13
C ALA B 23 2.34 -4.82 1.64
N GLY B 24 3.31 -5.39 0.94
CA GLY B 24 4.68 -5.33 1.41
C GLY B 24 5.19 -3.93 1.68
N LYS B 25 6.20 -3.78 2.52
N LYS B 25 6.22 -3.84 2.52
CA LYS B 25 6.84 -2.46 2.67
CA LYS B 25 6.97 -2.61 2.77
C LYS B 25 7.76 -2.15 1.47
C LYS B 25 7.76 -2.19 1.51
N TRP B 26 8.06 -3.17 0.66
CA TRP B 26 8.98 -2.99 -0.46
C TRP B 26 8.37 -3.20 -1.85
N THR B 27 7.25 -3.92 -1.91
CA THR B 27 6.63 -4.29 -3.19
C THR B 27 6.47 -3.13 -4.19
N LEU B 28 5.73 -2.10 -3.80
CA LEU B 28 5.43 -0.97 -4.68
C LEU B 28 6.65 -0.11 -5.00
N LEU B 29 7.57 -0.02 -4.03
CA LEU B 29 8.81 0.73 -4.22
C LEU B 29 9.73 0.08 -5.26
N ILE B 30 9.81 -1.24 -5.22
CA ILE B 30 10.54 -1.99 -6.23
C ILE B 30 9.98 -1.71 -7.63
N ILE B 31 8.64 -1.80 -7.75
CA ILE B 31 7.96 -1.56 -9.02
C ILE B 31 8.22 -0.12 -9.45
N PHE B 32 8.11 0.83 -8.51
CA PHE B 32 8.48 2.23 -8.75
C PHE B 32 9.89 2.38 -9.34
N GLN B 33 10.86 1.70 -8.74
CA GLN B 33 12.25 1.80 -9.18
C GLN B 33 12.52 1.15 -10.54
N ILE B 34 12.01 -0.06 -10.74
CA ILE B 34 12.08 -0.67 -12.07
C ILE B 34 11.46 0.27 -13.12
N ASN B 35 10.20 0.66 -12.92
CA ASN B 35 9.51 1.59 -13.81
C ASN B 35 9.50 1.05 -15.25
N ARG B 36 9.89 1.89 -16.21
CA ARG B 36 9.77 1.57 -17.62
C ARG B 36 11.12 1.31 -18.27
N ARG B 37 12.05 0.81 -17.46
CA ARG B 37 13.37 0.54 -17.93
C ARG B 37 13.87 -0.84 -17.47
N ILE B 38 15.08 -1.17 -17.88
CA ILE B 38 15.74 -2.39 -17.49
C ILE B 38 16.74 -2.03 -16.41
N ILE B 39 16.67 -2.75 -15.31
CA ILE B 39 17.54 -2.47 -14.18
C ILE B 39 18.21 -3.75 -13.68
N ARG B 40 19.53 -3.67 -13.52
N ARG B 40 19.53 -3.66 -13.50
CA ARG B 40 20.33 -4.73 -12.91
CA ARG B 40 20.32 -4.73 -12.90
C ARG B 40 19.98 -4.83 -11.43
C ARG B 40 19.98 -4.83 -11.43
N TYR B 41 20.02 -6.04 -10.89
CA TYR B 41 19.83 -6.29 -9.46
C TYR B 41 20.56 -5.30 -8.56
N GLY B 42 21.86 -5.09 -8.84
CA GLY B 42 22.71 -4.23 -8.01
C GLY B 42 22.30 -2.78 -8.04
N GLU B 43 21.91 -2.29 -9.21
CA GLU B 43 21.38 -0.92 -9.35
C GLU B 43 20.07 -0.78 -8.55
N LEU B 44 19.22 -1.81 -8.63
CA LEU B 44 17.92 -1.84 -7.95
C LEU B 44 18.13 -1.75 -6.45
N LYS B 45 19.03 -2.58 -5.92
CA LYS B 45 19.35 -2.56 -4.49
C LYS B 45 19.88 -1.19 -4.04
N ARG B 46 20.72 -0.58 -4.86
CA ARG B 46 21.22 0.77 -4.57
C ARG B 46 20.17 1.87 -4.75
N ALA B 47 19.15 1.59 -5.56
CA ALA B 47 18.02 2.53 -5.75
C ALA B 47 17.05 2.54 -4.56
N ILE B 48 17.16 1.55 -3.67
CA ILE B 48 16.36 1.47 -2.44
C ILE B 48 17.28 1.19 -1.23
N PRO B 49 18.04 2.20 -0.78
CA PRO B 49 18.99 1.96 0.32
C PRO B 49 18.28 1.67 1.63
N GLY B 50 18.74 0.61 2.31
CA GLY B 50 18.15 0.19 3.58
C GLY B 50 17.46 -1.16 3.48
N ILE B 51 17.06 -1.54 2.28
CA ILE B 51 16.51 -2.88 2.03
C ILE B 51 17.62 -3.92 2.10
N SER B 52 17.44 -4.94 2.94
CA SER B 52 18.43 -6.03 3.06
C SER B 52 18.42 -6.91 1.82
N GLU B 53 19.49 -7.69 1.66
N GLU B 53 19.50 -7.67 1.66
CA GLU B 53 19.62 -8.63 0.55
CA GLU B 53 19.63 -8.65 0.57
C GLU B 53 18.45 -9.64 0.55
C GLU B 53 18.45 -9.62 0.56
N LYS B 54 18.16 -10.20 1.72
CA LYS B 54 17.05 -11.15 1.86
C LYS B 54 15.68 -10.54 1.51
N LEU B 56 15.07 -8.03 -0.47
CA LEU B 56 15.05 -7.81 -1.92
C LEU B 56 14.72 -9.06 -2.76
N ILE B 57 15.37 -10.18 -2.47
CA ILE B 57 15.23 -11.37 -3.34
C ILE B 57 13.96 -12.19 -3.08
N ASP B 58 13.45 -12.15 -1.86
CA ASP B 58 12.16 -12.76 -1.56
C ASP B 58 11.07 -11.93 -2.27
N GLU B 59 11.22 -10.62 -2.23
CA GLU B 59 10.30 -9.70 -2.90
C GLU B 59 10.40 -9.81 -4.43
N LEU B 60 11.63 -9.85 -4.94
CA LEU B 60 11.85 -10.12 -6.37
C LEU B 60 11.24 -11.45 -6.82
N LYS B 61 11.36 -12.49 -5.99
CA LYS B 61 10.75 -13.80 -6.28
C LYS B 61 9.23 -13.72 -6.28
N PHE B 62 8.68 -13.11 -5.23
CA PHE B 62 7.24 -12.88 -5.10
C PHE B 62 6.67 -12.21 -6.37
N LEU B 63 7.27 -11.09 -6.76
CA LEU B 63 6.81 -10.32 -7.93
C LEU B 63 6.92 -11.06 -9.27
N CYS B 64 7.97 -11.87 -9.42
CA CYS B 64 8.08 -12.76 -10.59
C CYS B 64 6.94 -13.79 -10.60
N GLY B 65 6.67 -14.36 -9.42
CA GLY B 65 5.61 -15.36 -9.25
C GLY B 65 4.22 -14.81 -9.52
N LYS B 66 4.04 -13.51 -9.28
CA LYS B 66 2.77 -12.82 -9.56
C LYS B 66 2.68 -12.30 -11.00
N GLY B 67 3.76 -12.45 -11.75
CA GLY B 67 3.80 -12.07 -13.16
C GLY B 67 3.84 -10.56 -13.35
N LEU B 68 4.41 -9.88 -12.36
CA LEU B 68 4.46 -8.41 -12.36
C LEU B 68 5.78 -7.89 -12.91
N ILE B 69 6.85 -8.66 -12.72
CA ILE B 69 8.16 -8.32 -13.24
C ILE B 69 8.70 -9.53 -14.02
N LYS B 70 9.59 -9.29 -14.98
CA LYS B 70 10.29 -10.40 -15.66
C LYS B 70 11.81 -10.39 -15.41
N LYS B 71 12.40 -11.58 -15.40
CA LYS B 71 13.82 -11.77 -15.06
C LYS B 71 14.62 -12.26 -16.27
N LYS B 72 15.65 -11.49 -16.65
CA LYS B 72 16.59 -11.91 -17.71
C LYS B 72 17.90 -12.39 -17.10
N GLN B 73 18.23 -13.66 -17.39
CA GLN B 73 19.47 -14.28 -16.94
C GLN B 73 20.61 -14.04 -17.95
N TYR B 74 21.78 -13.66 -17.45
CA TYR B 74 23.01 -13.60 -18.26
C TYR B 74 24.11 -14.44 -17.58
N PRO B 75 24.27 -15.70 -18.01
CA PRO B 75 25.26 -16.62 -17.46
C PRO B 75 26.67 -16.44 -18.06
N GLU B 76 27.15 -15.20 -18.09
CA GLU B 76 28.42 -14.85 -18.70
C GLU B 76 29.41 -14.42 -17.61
N VAL B 77 30.56 -13.91 -18.02
CA VAL B 77 31.57 -13.43 -17.09
C VAL B 77 31.73 -11.90 -17.24
N PRO B 78 31.49 -11.14 -16.15
CA PRO B 78 30.79 -11.56 -14.94
C PRO B 78 29.27 -11.65 -15.18
N PRO B 79 28.57 -12.47 -14.40
CA PRO B 79 27.16 -12.72 -14.66
C PRO B 79 26.24 -11.63 -14.09
N ARG B 80 25.01 -11.54 -14.61
CA ARG B 80 24.06 -10.53 -14.15
C ARG B 80 22.59 -10.94 -14.33
N VAL B 81 21.73 -10.44 -13.43
CA VAL B 81 20.27 -10.49 -13.62
C VAL B 81 19.73 -9.10 -13.95
N GLU B 82 18.86 -9.04 -14.95
CA GLU B 82 18.16 -7.82 -15.28
C GLU B 82 16.68 -8.02 -15.06
N TYR B 83 16.02 -6.99 -14.52
CA TYR B 83 14.58 -6.99 -14.30
C TYR B 83 13.88 -5.87 -15.07
N SER B 84 12.69 -6.18 -15.57
CA SER B 84 11.81 -5.18 -16.17
C SER B 84 10.37 -5.50 -15.81
N LEU B 85 9.48 -4.54 -16.04
CA LEU B 85 8.07 -4.79 -15.76
C LEU B 85 7.43 -5.53 -16.93
N THR B 86 6.56 -6.48 -16.59
CA THR B 86 5.60 -7.05 -17.55
C THR B 86 4.50 -6.04 -17.88
N PRO B 87 3.70 -6.32 -18.94
CA PRO B 87 2.52 -5.48 -19.20
C PRO B 87 1.55 -5.41 -18.00
N LEU B 88 1.44 -6.50 -17.24
CA LEU B 88 0.66 -6.49 -15.99
C LEU B 88 1.29 -5.53 -14.96
N GLY B 89 2.60 -5.68 -14.73
CA GLY B 89 3.33 -4.84 -13.79
C GLY B 89 3.24 -3.38 -14.18
N GLU B 90 3.18 -3.12 -15.48
CA GLU B 90 3.03 -1.75 -15.96
C GLU B 90 1.68 -1.15 -15.52
N LYS B 91 0.66 -1.99 -15.32
CA LYS B 91 -0.66 -1.54 -14.84
C LYS B 91 -0.67 -1.07 -13.37
N VAL B 92 0.43 -1.34 -12.66
CA VAL B 92 0.61 -0.85 -11.28
C VAL B 92 1.12 0.60 -11.23
N LEU B 93 1.79 1.06 -12.28
CA LEU B 93 2.33 2.43 -12.31
C LEU B 93 1.33 3.56 -12.06
N PRO B 94 0.07 3.46 -12.57
CA PRO B 94 -0.93 4.47 -12.18
C PRO B 94 -1.22 4.57 -10.68
N ILE B 95 -1.12 3.46 -9.95
CA ILE B 95 -1.29 3.47 -8.49
C ILE B 95 -0.14 4.26 -7.88
N ILE B 96 1.06 4.00 -8.38
CA ILE B 96 2.28 4.58 -7.89
C ILE B 96 2.37 6.08 -8.17
N ASP B 97 1.95 6.51 -9.37
CA ASP B 97 1.79 7.94 -9.67
C ASP B 97 0.96 8.65 -8.61
N GLU B 98 -0.16 8.03 -8.23
CA GLU B 98 -1.00 8.61 -7.21
C GLU B 98 -0.33 8.64 -5.81
N ILE B 99 0.45 7.60 -5.49
CA ILE B 99 1.19 7.55 -4.23
C ILE B 99 2.27 8.63 -4.18
N ALA B 100 2.97 8.81 -5.30
CA ALA B 100 3.98 9.85 -5.42
C ALA B 100 3.37 11.24 -5.22
N LYS B 101 2.24 11.46 -5.90
CA LYS B 101 1.50 12.71 -5.77
C LYS B 101 1.11 12.97 -4.30
N PHE B 102 0.60 11.95 -3.62
CA PHE B 102 0.22 12.09 -2.21
C PHE B 102 1.43 12.55 -1.37
N GLY B 103 2.53 11.83 -1.51
CA GLY B 103 3.74 12.17 -0.82
C GLY B 103 4.24 13.59 -1.05
N GLU B 105 2.63 16.22 -2.18
CA GLU B 105 1.72 17.27 -1.79
C GLU B 105 1.55 17.35 -0.28
N ASN B 106 1.69 16.21 0.40
CA ASN B 106 1.25 16.12 1.81
C ASN B 106 2.32 15.74 2.81
N LEU B 107 3.38 15.10 2.35
CA LEU B 107 4.47 14.74 3.24
C LEU B 107 5.67 15.63 2.93
#